data_5YIA
#
_entry.id   5YIA
#
_cell.length_a   106.080
_cell.length_b   106.080
_cell.length_c   70.880
_cell.angle_alpha   90.00
_cell.angle_beta   90.00
_cell.angle_gamma   90.00
#
_symmetry.space_group_name_H-M   'I 4'
#
loop_
_entity.id
_entity.type
_entity.pdbx_description
1 polymer 'Plasmepsin II'
2 non-polymer (4R)-3-[(2S,3S)-3-[[(2R)-2-[2-(4-hydroxyphenyl)ethanoylamino]-3-methylsulfanyl-propanoyl]amino]-2-oxidanyl-4-phenyl-butanoyl]-5,5-dimethyl-N-[(1S,2R)-2-oxidanyl-2,3-dihydro-1H-inden-1-yl]-1,3-thiazolidine-4-carboxamide
3 non-polymer 3-[(3-CHOLAMIDOPROPYL)DIMETHYLAMMONIO]-1-PROPANESULFONATE
4 non-polymer GLYCEROL
5 non-polymer 'PHOSPHATE ION'
6 water water
#
_entity_poly.entity_id   1
_entity_poly.type   'polypeptide(L)'
_entity_poly.pdbx_seq_one_letter_code
;SNDNIELVDFQNIMFYGDAEVGDNQQPFTFILDTGSANLWVPSVKCTTAGCLTKHLYDSSKSRTYEKDGTKVEMNYVSGT
VSGFFSKDLVTVGNLSLPYKFIEVIDTNGFEPTYTASTFDGILGLGWKDLSIGSVDPIVVELKNQNKIENALFTFYLPVH
DKHTGFLTIGGIEERFYEGPLTYEKLNHDLYWQITLDAHVGNIMLEKANCIVDSGTSAITVPTDFLNKMLQNLDVIKVPF
LPFYVTLCNNSKLPTFEFTSENGKYTLEPEYYLQHIEDVGPGLCMLNIIGLDFPVPTFILGDPFMRKYFTVFDYDNQSVG
IALAKKNL
;
_entity_poly.pdbx_strand_id   A
#
loop_
_chem_comp.id
_chem_comp.type
_chem_comp.name
_chem_comp.formula
8V9 non-polymer (4R)-3-[(2S,3S)-3-[[(2R)-2-[2-(4-hydroxyphenyl)ethanoylamino]-3-methylsulfanyl-propanoyl]amino]-2-oxidanyl-4-phenyl-butanoyl]-5,5-dimethyl-N-[(1S,2R)-2-oxidanyl-2,3-dihydro-1H-inden-1-yl]-1,3-thiazolidine-4-carboxamide 'C37 H44 N4 O7 S2'
CPS non-polymer 3-[(3-CHOLAMIDOPROPYL)DIMETHYLAMMONIO]-1-PROPANESULFONATE 'C32 H58 N2 O7 S'
GOL non-polymer GLYCEROL 'C3 H8 O3'
PO4 non-polymer 'PHOSPHATE ION' 'O4 P -3'
#
# COMPACT_ATOMS: atom_id res chain seq x y z
N SER A 1 -4.27 23.90 -5.20
CA SER A 1 -3.73 23.27 -6.47
C SER A 1 -3.83 21.75 -6.46
N ASN A 2 -3.41 21.10 -5.36
CA ASN A 2 -3.41 19.63 -5.23
C ASN A 2 -4.64 19.04 -4.53
N ASP A 3 -5.01 17.85 -4.93
CA ASP A 3 -6.13 17.14 -4.35
C ASP A 3 -5.66 16.17 -3.26
N ASN A 4 -6.33 16.16 -2.12
CA ASN A 4 -5.83 15.53 -0.88
C ASN A 4 -6.92 14.67 -0.33
N ILE A 5 -6.80 13.34 -0.47
CA ILE A 5 -7.72 12.41 0.19
C ILE A 5 -7.20 11.89 1.56
N GLU A 6 -8.06 12.00 2.56
CA GLU A 6 -7.69 11.74 3.92
C GLU A 6 -7.61 10.24 4.19
N LEU A 7 -6.60 9.85 4.95
CA LEU A 7 -6.31 8.45 5.22
C LEU A 7 -6.59 8.15 6.67
N VAL A 8 -7.40 7.12 6.91
CA VAL A 8 -7.77 6.73 8.26
C VAL A 8 -7.11 5.42 8.61
N ASP A 9 -6.44 5.42 9.77
CA ASP A 9 -5.83 4.22 10.32
C ASP A 9 -6.88 3.21 10.82
N PHE A 10 -6.66 1.92 10.56
CA PHE A 10 -7.55 0.84 11.05
C PHE A 10 -6.76 -0.15 11.88
N GLN A 11 -6.80 0.03 13.20
CA GLN A 11 -6.14 -0.83 14.18
C GLN A 11 -4.61 -0.84 14.03
N ASN A 12 -4.05 0.36 13.95
CA ASN A 12 -2.62 0.62 13.64
C ASN A 12 -1.81 -0.39 12.82
N ILE A 13 -2.48 -1.00 11.84
CA ILE A 13 -1.86 -1.97 10.94
C ILE A 13 -2.13 -1.54 9.48
N MET A 14 -3.39 -1.21 9.17
CA MET A 14 -3.83 -0.75 7.85
C MET A 14 -4.24 0.72 7.90
N PHE A 15 -4.48 1.24 6.71
CA PHE A 15 -5.10 2.55 6.53
C PHE A 15 -5.95 2.48 5.28
N TYR A 16 -7.00 3.30 5.25
CA TYR A 16 -7.91 3.35 4.13
C TYR A 16 -8.21 4.79 3.72
N GLY A 17 -8.80 4.93 2.55
CA GLY A 17 -9.28 6.22 2.09
C GLY A 17 -10.53 6.01 1.27
N ASP A 18 -11.33 7.06 1.18
CA ASP A 18 -12.61 6.92 0.54
C ASP A 18 -12.56 7.52 -0.85
N ALA A 19 -13.36 6.93 -1.74
CA ALA A 19 -13.61 7.53 -3.05
C ALA A 19 -14.98 7.07 -3.55
N GLU A 20 -15.44 7.68 -4.64
CA GLU A 20 -16.79 7.46 -5.12
C GLU A 20 -16.80 6.91 -6.53
N VAL A 21 -17.82 6.11 -6.83
CA VAL A 21 -18.03 5.56 -8.17
C VAL A 21 -19.49 5.84 -8.54
N GLY A 22 -19.74 6.31 -9.76
CA GLY A 22 -21.08 6.65 -10.18
C GLY A 22 -21.37 8.14 -10.08
N ASP A 23 -22.26 8.62 -10.96
CA ASP A 23 -22.71 10.01 -10.92
C ASP A 23 -23.71 10.26 -9.79
N ASN A 24 -24.23 9.20 -9.16
CA ASN A 24 -24.96 9.37 -7.90
C ASN A 24 -24.04 9.21 -6.69
N GLN A 25 -22.73 9.17 -6.93
CA GLN A 25 -21.73 9.38 -5.88
C GLN A 25 -21.78 8.28 -4.82
N GLN A 26 -21.76 7.05 -5.28
CA GLN A 26 -21.86 5.91 -4.36
C GLN A 26 -20.51 5.83 -3.58
N PRO A 27 -20.56 5.87 -2.22
CA PRO A 27 -19.35 5.91 -1.40
C PRO A 27 -18.72 4.52 -1.12
N PHE A 28 -17.39 4.46 -1.18
CA PHE A 28 -16.62 3.24 -0.88
C PHE A 28 -15.36 3.54 -0.10
N THR A 29 -14.92 2.56 0.67
CA THR A 29 -13.65 2.62 1.38
C THR A 29 -12.66 1.72 0.65
N PHE A 30 -11.49 2.28 0.36
CA PHE A 30 -10.45 1.55 -0.38
C PHE A 30 -9.16 1.33 0.41
N ILE A 31 -8.59 0.17 0.24
CA ILE A 31 -7.16 0.04 0.41
C ILE A 31 -6.53 0.70 -0.82
N LEU A 32 -5.51 1.52 -0.60
CA LEU A 32 -4.82 2.27 -1.65
C LEU A 32 -3.49 1.57 -1.82
N ASP A 33 -3.30 0.92 -2.96
CA ASP A 33 -2.23 -0.03 -3.13
C ASP A 33 -1.32 0.34 -4.32
N THR A 34 -0.12 0.79 -4.00
CA THR A 34 0.83 1.15 -5.03
C THR A 34 1.30 -0.08 -5.80
N GLY A 35 1.11 -1.29 -5.26
CA GLY A 35 1.59 -2.49 -5.89
C GLY A 35 0.63 -3.15 -6.84
N SER A 36 -0.49 -2.52 -7.15
CA SER A 36 -1.42 -3.09 -8.14
C SER A 36 -1.98 -1.96 -8.97
N ALA A 37 -2.71 -2.27 -10.04
CA ALA A 37 -3.03 -1.24 -11.03
C ALA A 37 -4.45 -1.32 -11.57
N ASN A 38 -5.36 -1.86 -10.75
CA ASN A 38 -6.77 -1.92 -11.05
C ASN A 38 -7.56 -1.45 -9.86
N LEU A 39 -8.70 -0.85 -10.17
CA LEU A 39 -9.67 -0.43 -9.18
C LEU A 39 -10.80 -1.44 -9.17
N TRP A 40 -11.25 -1.84 -7.99
CA TRP A 40 -12.46 -2.65 -7.92
C TRP A 40 -13.35 -2.32 -6.75
N VAL A 41 -14.65 -2.53 -6.96
CA VAL A 41 -15.66 -2.34 -5.94
C VAL A 41 -16.57 -3.58 -5.96
N PRO A 42 -17.09 -3.99 -4.78
CA PRO A 42 -18.07 -5.06 -4.77
C PRO A 42 -19.42 -4.61 -5.36
N SER A 43 -20.04 -5.48 -6.15
CA SER A 43 -21.33 -5.16 -6.78
C SER A 43 -22.56 -5.54 -5.93
N VAL A 44 -23.68 -4.85 -6.18
CA VAL A 44 -24.97 -5.32 -5.72
C VAL A 44 -25.25 -6.74 -6.25
N LYS A 45 -24.62 -7.12 -7.37
CA LYS A 45 -24.73 -8.49 -7.89
C LYS A 45 -23.84 -9.54 -7.17
N CYS A 46 -23.05 -9.12 -6.18
CA CYS A 46 -22.18 -10.03 -5.44
C CYS A 46 -22.99 -11.13 -4.75
N THR A 47 -22.51 -12.37 -4.85
CA THR A 47 -23.24 -13.54 -4.39
C THR A 47 -22.65 -14.12 -3.10
N THR A 48 -21.65 -13.45 -2.53
CA THR A 48 -20.84 -14.08 -1.49
C THR A 48 -20.93 -13.35 -0.17
N ALA A 49 -20.64 -14.10 0.89
CA ALA A 49 -20.92 -13.67 2.26
C ALA A 49 -20.16 -12.41 2.59
N GLY A 50 -18.94 -12.29 2.08
CA GLY A 50 -18.10 -11.14 2.37
C GLY A 50 -18.73 -9.81 2.02
N CYS A 51 -19.61 -9.79 1.00
CA CYS A 51 -20.23 -8.55 0.55
C CYS A 51 -21.32 -8.03 1.49
N LEU A 52 -21.79 -8.89 2.41
CA LEU A 52 -22.92 -8.59 3.28
C LEU A 52 -22.79 -7.26 3.99
N THR A 53 -21.61 -6.93 4.52
CA THR A 53 -21.41 -5.71 5.32
C THR A 53 -20.75 -4.58 4.54
N LYS A 54 -20.59 -4.74 3.22
CA LYS A 54 -19.90 -3.72 2.43
C LYS A 54 -20.83 -2.71 1.76
N HIS A 55 -20.25 -1.57 1.40
CA HIS A 55 -20.88 -0.65 0.46
C HIS A 55 -20.77 -1.27 -0.91
N LEU A 56 -21.90 -1.41 -1.60
CA LEU A 56 -21.96 -2.12 -2.85
C LEU A 56 -22.29 -1.15 -3.98
N TYR A 57 -21.74 -1.42 -5.15
CA TYR A 57 -21.95 -0.61 -6.35
C TYR A 57 -23.15 -1.09 -7.14
N ASP A 58 -24.02 -0.13 -7.47
CA ASP A 58 -25.25 -0.32 -8.21
C ASP A 58 -25.19 0.51 -9.50
N SER A 59 -24.75 -0.13 -10.57
CA SER A 59 -24.66 0.50 -11.88
C SER A 59 -25.99 1.06 -12.39
N SER A 60 -27.10 0.43 -12.00
CA SER A 60 -28.43 0.87 -12.45
C SER A 60 -28.78 2.28 -11.96
N LYS A 61 -28.16 2.73 -10.87
CA LYS A 61 -28.46 4.04 -10.30
C LYS A 61 -27.51 5.13 -10.75
N SER A 62 -26.54 4.80 -11.61
CA SER A 62 -25.62 5.76 -12.16
C SER A 62 -25.88 5.98 -13.64
N ARG A 63 -26.24 7.21 -14.00
CA ARG A 63 -26.45 7.60 -15.40
C ARG A 63 -25.17 7.61 -16.24
N THR A 64 -23.99 7.64 -15.60
CA THR A 64 -22.71 7.66 -16.31
C THR A 64 -22.09 6.26 -16.42
N TYR A 65 -22.78 5.24 -15.91
CA TYR A 65 -22.35 3.85 -16.10
C TYR A 65 -22.31 3.47 -17.59
N GLU A 66 -21.20 2.92 -18.05
CA GLU A 66 -21.13 2.29 -19.37
C GLU A 66 -20.79 0.81 -19.20
N LYS A 67 -21.65 -0.03 -19.76
CA LYS A 67 -21.50 -1.47 -19.67
C LYS A 67 -20.25 -1.94 -20.43
N ASP A 68 -19.54 -2.91 -19.84
CA ASP A 68 -18.46 -3.61 -20.53
C ASP A 68 -18.80 -5.10 -20.38
N GLY A 69 -18.63 -5.67 -19.20
CA GLY A 69 -19.03 -7.05 -18.93
C GLY A 69 -17.95 -8.10 -19.21
N THR A 70 -16.80 -7.69 -19.73
CA THR A 70 -15.66 -8.61 -19.89
C THR A 70 -15.30 -9.22 -18.55
N LYS A 71 -15.30 -10.55 -18.49
CA LYS A 71 -15.01 -11.25 -17.24
C LYS A 71 -13.56 -11.11 -16.85
N VAL A 72 -13.32 -11.00 -15.55
CA VAL A 72 -11.97 -10.84 -15.05
C VAL A 72 -11.84 -11.37 -13.61
N GLU A 73 -10.65 -11.86 -13.33
CA GLU A 73 -10.25 -12.34 -12.01
C GLU A 73 -9.00 -11.54 -11.63
N MET A 74 -8.98 -10.94 -10.43
CA MET A 74 -7.79 -10.26 -9.87
C MET A 74 -7.13 -11.18 -8.88
N ASN A 75 -5.90 -11.60 -9.15
CA ASN A 75 -5.17 -12.50 -8.25
C ASN A 75 -4.18 -11.71 -7.38
N TYR A 76 -4.45 -11.62 -6.09
CA TYR A 76 -3.51 -11.02 -5.15
C TYR A 76 -2.78 -12.10 -4.38
N VAL A 77 -1.71 -11.72 -3.71
CA VAL A 77 -1.00 -12.70 -2.86
C VAL A 77 -1.84 -13.16 -1.68
N SER A 78 -2.81 -12.33 -1.27
CA SER A 78 -3.70 -12.63 -0.14
CA SER A 78 -3.68 -12.66 -0.14
C SER A 78 -5.03 -13.19 -0.63
N GLY A 79 -5.15 -13.48 -1.93
CA GLY A 79 -6.39 -14.04 -2.46
C GLY A 79 -6.90 -13.42 -3.75
N THR A 80 -8.02 -13.94 -4.21
CA THR A 80 -8.56 -13.64 -5.51
C THR A 80 -9.98 -13.07 -5.39
N VAL A 81 -10.30 -12.09 -6.22
CA VAL A 81 -11.68 -11.64 -6.42
C VAL A 81 -11.98 -11.73 -7.90
N SER A 82 -13.24 -11.99 -8.23
CA SER A 82 -13.66 -12.03 -9.62
C SER A 82 -14.92 -11.24 -9.84
N GLY A 83 -15.05 -10.84 -11.10
CA GLY A 83 -16.23 -10.15 -11.56
C GLY A 83 -16.10 -9.82 -13.02
N PHE A 84 -16.39 -8.57 -13.35
CA PHE A 84 -16.37 -8.11 -14.73
C PHE A 84 -16.09 -6.62 -14.79
N PHE A 85 -15.61 -6.17 -15.94
CA PHE A 85 -15.31 -4.78 -16.13
C PHE A 85 -16.59 -3.95 -16.28
N SER A 86 -16.52 -2.74 -15.74
CA SER A 86 -17.53 -1.73 -15.92
C SER A 86 -16.81 -0.40 -16.06
N LYS A 87 -17.52 0.58 -16.59
CA LYS A 87 -16.98 1.92 -16.71
C LYS A 87 -17.94 2.88 -16.09
N ASP A 88 -17.41 3.83 -15.33
CA ASP A 88 -18.22 4.84 -14.68
C ASP A 88 -17.27 5.96 -14.24
N LEU A 89 -17.88 7.06 -13.81
CA LEU A 89 -17.18 8.20 -13.28
C LEU A 89 -16.64 7.80 -11.90
N VAL A 90 -15.33 7.99 -11.70
CA VAL A 90 -14.68 7.74 -10.42
C VAL A 90 -14.23 9.08 -9.90
N THR A 91 -14.55 9.37 -8.65
CA THR A 91 -14.19 10.63 -8.01
C THR A 91 -13.25 10.37 -6.86
N VAL A 92 -12.07 11.00 -6.90
CA VAL A 92 -11.07 10.94 -5.84
C VAL A 92 -10.79 12.38 -5.38
N GLY A 93 -10.95 12.60 -4.07
CA GLY A 93 -11.07 13.95 -3.52
C GLY A 93 -12.09 14.76 -4.30
N ASN A 94 -11.66 15.87 -4.89
CA ASN A 94 -12.50 16.71 -5.73
C ASN A 94 -12.38 16.43 -7.22
N LEU A 95 -11.55 15.46 -7.61
CA LEU A 95 -11.31 15.20 -9.02
C LEU A 95 -12.08 13.99 -9.51
N SER A 96 -12.65 14.10 -10.71
CA SER A 96 -13.40 13.05 -11.36
C SER A 96 -12.86 12.70 -12.74
N LEU A 97 -13.05 11.44 -13.14
CA LEU A 97 -12.81 11.03 -14.53
C LEU A 97 -13.59 9.74 -14.83
N PRO A 98 -14.05 9.57 -16.10
CA PRO A 98 -14.56 8.26 -16.52
C PRO A 98 -13.43 7.22 -16.42
N TYR A 99 -13.74 6.07 -15.86
CA TYR A 99 -12.70 5.14 -15.51
C TYR A 99 -13.20 3.72 -15.61
N LYS A 100 -12.35 2.84 -16.10
CA LYS A 100 -12.62 1.41 -16.19
C LYS A 100 -12.17 0.75 -14.89
N PHE A 101 -13.04 -0.07 -14.32
CA PHE A 101 -12.81 -0.73 -13.07
C PHE A 101 -13.57 -2.07 -13.10
N ILE A 102 -13.32 -2.88 -12.08
CA ILE A 102 -13.86 -4.21 -11.96
C ILE A 102 -15.00 -4.19 -10.94
N GLU A 103 -16.14 -4.71 -11.39
CA GLU A 103 -17.29 -4.90 -10.57
C GLU A 103 -17.16 -6.31 -10.02
N VAL A 104 -16.94 -6.44 -8.71
CA VAL A 104 -16.66 -7.74 -8.10
C VAL A 104 -17.97 -8.44 -7.65
N ILE A 105 -18.14 -9.67 -8.10
CA ILE A 105 -19.28 -10.49 -7.69
C ILE A 105 -18.96 -11.72 -6.81
N ASP A 106 -17.68 -12.10 -6.70
CA ASP A 106 -17.28 -13.23 -5.85
C ASP A 106 -15.98 -12.88 -5.11
N THR A 107 -16.07 -12.90 -3.78
CA THR A 107 -14.98 -12.52 -2.88
C THR A 107 -14.57 -13.69 -1.96
N ASN A 108 -15.11 -14.88 -2.22
CA ASN A 108 -14.78 -16.04 -1.38
C ASN A 108 -13.31 -16.46 -1.45
N GLY A 109 -12.65 -16.22 -2.59
CA GLY A 109 -11.22 -16.42 -2.68
C GLY A 109 -10.36 -15.38 -1.97
N PHE A 110 -10.98 -14.38 -1.33
CA PHE A 110 -10.26 -13.28 -0.66
C PHE A 110 -10.59 -13.25 0.84
N GLU A 111 -11.01 -14.40 1.36
CA GLU A 111 -11.27 -14.58 2.78
C GLU A 111 -10.09 -15.29 3.43
N PRO A 112 -9.78 -15.01 4.70
CA PRO A 112 -10.60 -14.19 5.59
C PRO A 112 -10.30 -12.69 5.57
N THR A 113 -9.33 -12.26 4.76
CA THR A 113 -8.96 -10.83 4.67
C THR A 113 -10.21 -9.94 4.51
N TYR A 114 -11.07 -10.29 3.55
CA TYR A 114 -12.15 -9.37 3.17
C TYR A 114 -13.14 -9.10 4.30
N THR A 115 -13.68 -10.18 4.88
CA THR A 115 -14.66 -10.12 5.98
C THR A 115 -14.09 -9.52 7.27
N ALA A 116 -12.80 -9.73 7.52
CA ALA A 116 -12.16 -9.25 8.76
C ALA A 116 -11.75 -7.77 8.74
N SER A 117 -11.76 -7.16 7.56
CA SER A 117 -11.32 -5.78 7.40
C SER A 117 -12.54 -4.92 7.00
N THR A 118 -12.46 -3.61 7.19
CA THR A 118 -13.60 -2.72 6.88
C THR A 118 -13.51 -1.97 5.53
N PHE A 119 -12.61 -2.37 4.65
CA PHE A 119 -12.58 -1.82 3.31
C PHE A 119 -13.59 -2.54 2.38
N ASP A 120 -13.99 -1.82 1.34
CA ASP A 120 -14.91 -2.30 0.33
C ASP A 120 -14.16 -2.81 -0.90
N GLY A 121 -13.15 -2.06 -1.33
CA GLY A 121 -12.42 -2.38 -2.55
C GLY A 121 -10.95 -2.02 -2.46
N ILE A 122 -10.25 -2.20 -3.58
CA ILE A 122 -8.86 -1.81 -3.71
C ILE A 122 -8.70 -0.85 -4.88
N LEU A 123 -7.96 0.22 -4.63
CA LEU A 123 -7.66 1.21 -5.62
C LEU A 123 -6.15 1.14 -5.86
N GLY A 124 -5.80 0.65 -7.03
CA GLY A 124 -4.44 0.49 -7.45
C GLY A 124 -3.81 1.82 -7.84
N LEU A 125 -2.55 1.98 -7.45
CA LEU A 125 -1.75 3.17 -7.77
C LEU A 125 -0.43 2.75 -8.38
N GLY A 126 -0.50 1.74 -9.24
CA GLY A 126 0.64 1.19 -9.91
C GLY A 126 0.80 1.72 -11.33
N TRP A 127 1.56 0.95 -12.11
CA TRP A 127 1.89 1.27 -13.48
C TRP A 127 0.97 0.53 -14.46
N LYS A 128 0.73 1.17 -15.60
CA LYS A 128 -0.25 0.71 -16.57
C LYS A 128 -0.05 -0.75 -16.98
N ASP A 129 1.19 -1.11 -17.32
CA ASP A 129 1.46 -2.46 -17.81
C ASP A 129 1.35 -3.57 -16.76
N LEU A 130 1.19 -3.19 -15.49
CA LEU A 130 0.81 -4.14 -14.45
C LEU A 130 -0.71 -4.34 -14.36
N SER A 131 -1.51 -3.48 -14.98
CA SER A 131 -2.97 -3.61 -14.88
C SER A 131 -3.48 -4.73 -15.77
N ILE A 132 -4.63 -5.28 -15.42
CA ILE A 132 -5.44 -6.06 -16.34
C ILE A 132 -6.34 -5.10 -17.13
N GLY A 133 -6.41 -5.31 -18.44
CA GLY A 133 -7.25 -4.50 -19.32
C GLY A 133 -6.64 -3.20 -19.79
N SER A 134 -5.32 -3.06 -19.65
CA SER A 134 -4.58 -1.87 -20.09
C SER A 134 -5.20 -0.56 -19.62
N VAL A 135 -5.44 -0.44 -18.32
CA VAL A 135 -6.06 0.75 -17.78
C VAL A 135 -4.95 1.74 -17.44
N ASP A 136 -5.06 2.95 -17.98
CA ASP A 136 -4.15 4.03 -17.58
C ASP A 136 -4.35 4.36 -16.11
N PRO A 137 -3.24 4.50 -15.36
CA PRO A 137 -3.36 4.87 -13.96
C PRO A 137 -4.14 6.18 -13.76
N ILE A 138 -4.92 6.22 -12.70
CA ILE A 138 -5.75 7.38 -12.35
C ILE A 138 -4.94 8.70 -12.38
N VAL A 139 -3.79 8.68 -11.72
CA VAL A 139 -2.98 9.90 -11.63
C VAL A 139 -2.41 10.31 -12.99
N VAL A 140 -1.98 9.33 -13.78
CA VAL A 140 -1.47 9.61 -15.15
C VAL A 140 -2.60 10.24 -15.99
N GLU A 141 -3.78 9.65 -15.87
CA GLU A 141 -4.94 10.07 -16.63
C GLU A 141 -5.40 11.48 -16.23
N LEU A 142 -5.38 11.74 -14.92
CA LEU A 142 -5.69 13.07 -14.39
C LEU A 142 -4.71 14.15 -14.87
N LYS A 143 -3.44 13.81 -14.93
CA LYS A 143 -2.45 14.74 -15.49
C LYS A 143 -2.69 15.01 -16.99
N ASN A 144 -2.93 13.93 -17.74
CA ASN A 144 -3.24 14.01 -19.17
C ASN A 144 -4.46 14.90 -19.50
N GLN A 145 -5.45 14.91 -18.61
CA GLN A 145 -6.62 15.76 -18.73
C GLN A 145 -6.41 17.15 -18.11
N ASN A 146 -5.16 17.47 -17.76
CA ASN A 146 -4.79 18.70 -17.07
C ASN A 146 -5.59 19.03 -15.82
N LYS A 147 -6.01 18.02 -15.10
CA LYS A 147 -6.71 18.26 -13.86
C LYS A 147 -5.74 18.42 -12.70
N ILE A 148 -4.48 18.02 -12.87
CA ILE A 148 -3.45 18.19 -11.83
C ILE A 148 -2.16 18.70 -12.46
N GLU A 149 -1.29 19.24 -11.61
CA GLU A 149 -0.02 19.83 -12.05
C GLU A 149 0.99 18.77 -12.57
N ASN A 150 1.23 17.72 -11.79
CA ASN A 150 2.21 16.67 -12.10
C ASN A 150 1.60 15.28 -11.97
N ALA A 151 2.12 14.31 -12.74
CA ALA A 151 1.69 12.90 -12.63
C ALA A 151 2.47 12.26 -11.51
N LEU A 152 2.07 12.60 -10.29
CA LEU A 152 2.71 12.08 -9.10
C LEU A 152 1.70 12.10 -7.97
N PHE A 153 1.92 11.25 -6.98
CA PHE A 153 1.16 11.26 -5.76
C PHE A 153 2.07 11.01 -4.58
N THR A 154 1.61 11.39 -3.40
CA THR A 154 2.41 11.25 -2.18
C THR A 154 1.60 10.59 -1.06
N PHE A 155 2.28 9.87 -0.20
CA PHE A 155 1.67 9.28 0.97
C PHE A 155 2.30 9.84 2.24
N TYR A 156 1.45 10.42 3.07
CA TYR A 156 1.77 10.82 4.43
C TYR A 156 0.81 10.00 5.30
N LEU A 157 1.34 8.91 5.87
CA LEU A 157 0.48 7.92 6.49
C LEU A 157 -0.02 8.40 7.84
N PRO A 158 -1.22 7.95 8.24
CA PRO A 158 -1.69 8.28 9.58
C PRO A 158 -0.84 7.58 10.65
N VAL A 159 -0.85 8.12 11.86
CA VAL A 159 -0.21 7.49 13.00
C VAL A 159 -1.29 7.37 14.06
N HIS A 160 -1.71 6.13 14.34
CA HIS A 160 -2.62 5.78 15.44
C HIS A 160 -2.46 6.65 16.70
N ASP A 161 -3.56 7.28 17.12
CA ASP A 161 -3.58 8.17 18.30
C ASP A 161 -2.64 9.38 18.19
N LYS A 162 -2.33 9.83 16.98
CA LYS A 162 -1.49 11.03 16.84
C LYS A 162 -1.90 11.98 15.72
N HIS A 163 -2.10 11.46 14.51
CA HIS A 163 -2.60 12.28 13.41
C HIS A 163 -3.20 11.47 12.28
N THR A 164 -3.98 12.16 11.45
CA THR A 164 -4.63 11.59 10.28
C THR A 164 -3.57 11.58 9.16
N GLY A 165 -3.85 10.91 8.04
CA GLY A 165 -2.91 10.88 6.93
C GLY A 165 -3.53 11.50 5.68
N PHE A 166 -2.73 11.60 4.61
CA PHE A 166 -3.17 12.05 3.31
C PHE A 166 -2.47 11.34 2.15
N LEU A 167 -3.30 10.96 1.17
CA LEU A 167 -2.85 10.67 -0.17
C LEU A 167 -3.03 11.97 -0.92
N THR A 168 -1.94 12.55 -1.41
CA THR A 168 -2.02 13.80 -2.13
C THR A 168 -1.73 13.52 -3.58
N ILE A 169 -2.55 14.08 -4.48
CA ILE A 169 -2.42 13.83 -5.92
C ILE A 169 -2.04 15.17 -6.57
N GLY A 170 -0.97 15.15 -7.35
CA GLY A 170 -0.65 16.24 -8.25
C GLY A 170 0.58 17.05 -7.90
N GLY A 171 1.05 16.94 -6.66
CA GLY A 171 2.15 17.79 -6.19
C GLY A 171 2.65 17.39 -4.82
N ILE A 172 3.80 17.95 -4.45
CA ILE A 172 4.52 17.62 -3.23
C ILE A 172 4.34 18.77 -2.27
N GLU A 173 3.82 18.49 -1.08
CA GLU A 173 3.59 19.53 -0.09
C GLU A 173 4.59 19.42 1.05
N GLU A 174 5.34 20.51 1.21
CA GLU A 174 6.35 20.69 2.28
C GLU A 174 5.88 20.40 3.69
N ARG A 175 4.59 20.62 3.95
CA ARG A 175 3.99 20.38 5.27
C ARG A 175 4.09 18.92 5.73
N PHE A 176 4.28 17.97 4.82
CA PHE A 176 4.32 16.55 5.17
C PHE A 176 5.68 16.00 5.61
N TYR A 177 6.77 16.73 5.37
CA TYR A 177 8.08 16.18 5.66
C TYR A 177 9.07 17.21 6.22
N GLU A 178 10.14 16.69 6.80
CA GLU A 178 11.21 17.49 7.35
C GLU A 178 12.51 16.91 6.86
N GLY A 179 13.53 17.77 6.79
CA GLY A 179 14.82 17.38 6.22
C GLY A 179 14.71 17.17 4.70
N PRO A 180 15.77 16.60 4.11
CA PRO A 180 15.85 16.48 2.65
C PRO A 180 14.93 15.42 2.07
N LEU A 181 14.48 15.68 0.85
CA LEU A 181 13.69 14.74 0.08
C LEU A 181 14.65 14.18 -0.97
N THR A 182 14.85 12.87 -0.96
CA THR A 182 15.80 12.24 -1.85
C THR A 182 15.05 11.37 -2.86
N TYR A 183 15.39 11.55 -4.15
CA TYR A 183 14.76 10.81 -5.24
CA TYR A 183 14.78 10.80 -5.23
C TYR A 183 15.61 9.57 -5.57
N GLU A 184 14.94 8.43 -5.65
CA GLU A 184 15.58 7.16 -5.99
C GLU A 184 14.95 6.70 -7.28
N LYS A 185 15.78 6.48 -8.29
CA LYS A 185 15.30 6.11 -9.60
C LYS A 185 14.72 4.71 -9.57
N LEU A 186 13.58 4.50 -10.23
CA LEU A 186 13.04 3.13 -10.38
C LEU A 186 14.02 2.25 -11.16
N ASN A 187 14.18 1.01 -10.71
CA ASN A 187 15.00 0.02 -11.42
C ASN A 187 14.19 -0.96 -12.26
N HIS A 188 12.91 -0.69 -12.40
CA HIS A 188 12.04 -1.56 -13.17
C HIS A 188 10.99 -0.71 -13.86
N ASP A 189 10.53 -1.17 -15.02
CA ASP A 189 9.50 -0.50 -15.82
C ASP A 189 8.13 -0.40 -15.14
N LEU A 190 7.74 -1.35 -14.33
CA LEU A 190 6.34 -1.38 -13.87
C LEU A 190 6.09 -1.68 -12.39
N TYR A 191 7.12 -1.55 -11.56
CA TYR A 191 6.97 -1.57 -10.12
C TYR A 191 7.62 -0.36 -9.53
N TRP A 192 7.09 0.07 -8.38
CA TRP A 192 7.73 1.12 -7.62
C TRP A 192 8.88 0.47 -6.83
N GLN A 193 9.94 0.13 -7.55
CA GLN A 193 11.02 -0.65 -7.04
C GLN A 193 12.31 0.09 -7.30
N ILE A 194 13.17 0.13 -6.28
CA ILE A 194 14.40 0.89 -6.31
C ILE A 194 15.52 0.01 -5.79
N THR A 195 16.76 0.39 -6.09
CA THR A 195 17.91 -0.40 -5.67
C THR A 195 18.51 0.27 -4.46
N LEU A 196 18.70 -0.52 -3.42
CA LEU A 196 19.29 -0.06 -2.17
C LEU A 196 20.14 -1.20 -1.60
N ASP A 197 21.25 -0.84 -0.97
CA ASP A 197 22.00 -1.79 -0.18
C ASP A 197 21.24 -1.92 1.14
N ALA A 198 21.08 -3.14 1.62
CA ALA A 198 20.31 -3.42 2.82
C ALA A 198 21.24 -3.98 3.89
N HIS A 199 21.29 -3.31 5.05
CA HIS A 199 22.12 -3.71 6.20
C HIS A 199 21.23 -3.95 7.41
N VAL A 200 21.43 -5.07 8.08
CA VAL A 200 20.79 -5.33 9.37
C VAL A 200 21.87 -5.89 10.26
N GLY A 201 22.49 -5.04 11.07
CA GLY A 201 23.62 -5.44 11.90
C GLY A 201 24.78 -5.89 11.03
N ASN A 202 25.25 -7.11 11.27
CA ASN A 202 26.36 -7.70 10.50
C ASN A 202 25.95 -8.22 9.12
N ILE A 203 24.66 -8.37 8.88
CA ILE A 203 24.16 -8.99 7.66
C ILE A 203 23.93 -7.87 6.64
N MET A 204 24.31 -8.10 5.39
CA MET A 204 23.94 -7.17 4.33
C MET A 204 23.75 -7.81 2.95
N LEU A 205 22.89 -7.17 2.17
CA LEU A 205 22.62 -7.58 0.81
C LEU A 205 22.85 -6.34 -0.06
N GLU A 206 23.83 -6.46 -0.95
CA GLU A 206 24.21 -5.38 -1.84
C GLU A 206 23.17 -5.22 -2.95
N LYS A 207 22.79 -3.98 -3.22
CA LYS A 207 21.98 -3.63 -4.38
C LYS A 207 20.71 -4.51 -4.47
N ALA A 208 20.01 -4.60 -3.34
CA ALA A 208 18.75 -5.31 -3.24
C ALA A 208 17.65 -4.57 -3.97
N ASN A 209 16.69 -5.30 -4.54
CA ASN A 209 15.43 -4.70 -4.99
C ASN A 209 14.55 -4.34 -3.80
N CYS A 210 14.08 -3.10 -3.71
CA CYS A 210 13.24 -2.62 -2.64
C CYS A 210 11.98 -2.03 -3.24
N ILE A 211 10.86 -2.65 -2.93
CA ILE A 211 9.55 -2.24 -3.44
C ILE A 211 8.90 -1.42 -2.35
N VAL A 212 8.51 -0.20 -2.67
CA VAL A 212 7.78 0.59 -1.71
C VAL A 212 6.34 0.27 -2.01
N ASP A 213 5.65 -0.34 -1.05
CA ASP A 213 4.30 -0.85 -1.28
C ASP A 213 3.34 -0.45 -0.17
N SER A 214 2.41 0.44 -0.53
CA SER A 214 1.42 0.94 0.42
C SER A 214 0.38 -0.08 0.96
N GLY A 215 0.19 -1.20 0.24
CA GLY A 215 -0.83 -2.18 0.62
C GLY A 215 -0.34 -3.33 1.49
N THR A 216 0.95 -3.36 1.74
CA THR A 216 1.59 -4.42 2.51
C THR A 216 1.90 -3.91 3.94
N SER A 217 1.24 -4.49 4.94
CA SER A 217 1.43 -4.05 6.33
CA SER A 217 1.43 -4.07 6.34
C SER A 217 2.56 -4.83 7.02
N ALA A 218 3.71 -4.89 6.37
CA ALA A 218 4.89 -5.50 6.92
C ALA A 218 6.08 -5.03 6.13
N ILE A 219 7.26 -5.29 6.69
CA ILE A 219 8.50 -5.29 5.94
C ILE A 219 8.70 -6.75 5.56
N THR A 220 8.95 -7.02 4.29
CA THR A 220 9.31 -8.37 3.88
C THR A 220 10.79 -8.41 3.55
N VAL A 221 11.41 -9.52 3.94
CA VAL A 221 12.84 -9.74 3.91
C VAL A 221 13.10 -11.11 3.23
N PRO A 222 14.19 -11.25 2.45
CA PRO A 222 14.51 -12.59 1.89
C PRO A 222 14.67 -13.61 3.02
N THR A 223 14.25 -14.86 2.82
CA THR A 223 14.10 -15.78 3.95
C THR A 223 15.43 -16.16 4.56
N ASP A 224 16.46 -16.30 3.74
CA ASP A 224 17.77 -16.63 4.28
C ASP A 224 18.32 -15.47 5.10
N PHE A 225 18.07 -14.25 4.63
CA PHE A 225 18.46 -13.02 5.33
C PHE A 225 17.73 -12.94 6.68
N LEU A 226 16.43 -13.22 6.67
CA LEU A 226 15.65 -13.24 7.89
C LEU A 226 16.15 -14.31 8.87
N ASN A 227 16.43 -15.50 8.35
CA ASN A 227 16.93 -16.59 9.18
C ASN A 227 18.22 -16.19 9.90
N LYS A 228 19.14 -15.51 9.20
CA LYS A 228 20.35 -14.99 9.83
C LYS A 228 20.06 -13.93 10.88
N MET A 229 19.12 -13.02 10.59
CA MET A 229 18.76 -11.96 11.53
C MET A 229 18.22 -12.51 12.81
N LEU A 230 17.37 -13.54 12.71
CA LEU A 230 16.70 -14.07 13.88
C LEU A 230 17.52 -15.04 14.74
N GLN A 231 18.69 -15.43 14.26
CA GLN A 231 19.52 -16.40 14.94
C GLN A 231 19.96 -15.80 16.29
N ASN A 232 19.67 -16.48 17.39
CA ASN A 232 20.05 -15.95 18.72
C ASN A 232 19.48 -14.56 19.07
N LEU A 233 18.30 -14.24 18.53
CA LEU A 233 17.65 -12.95 18.76
C LEU A 233 16.61 -13.04 19.91
N ASP A 234 16.36 -14.25 20.43
CA ASP A 234 15.38 -14.47 21.49
C ASP A 234 13.94 -14.12 21.08
N VAL A 235 13.59 -14.39 19.82
CA VAL A 235 12.21 -14.22 19.38
C VAL A 235 11.67 -15.64 19.15
N ILE A 236 10.34 -15.79 19.13
CA ILE A 236 9.69 -17.08 18.98
C ILE A 236 8.64 -16.98 17.88
N LYS A 237 8.63 -17.95 16.99
CA LYS A 237 7.67 -18.01 15.92
C LYS A 237 6.30 -18.41 16.43
N VAL A 238 5.26 -17.73 15.96
CA VAL A 238 3.89 -18.12 16.28
C VAL A 238 3.55 -19.45 15.55
N PRO A 239 3.01 -20.44 16.27
CA PRO A 239 2.63 -21.67 15.60
C PRO A 239 1.72 -21.42 14.40
N PHE A 240 2.10 -21.98 13.24
CA PHE A 240 1.25 -22.00 12.04
C PHE A 240 1.20 -20.70 11.26
N LEU A 241 1.89 -19.65 11.72
CA LEU A 241 1.86 -18.36 11.05
C LEU A 241 3.25 -17.81 10.91
N PRO A 242 3.49 -16.99 9.88
CA PRO A 242 4.86 -16.57 9.59
C PRO A 242 5.33 -15.36 10.40
N PHE A 243 4.92 -15.27 11.66
CA PHE A 243 5.20 -14.10 12.51
C PHE A 243 5.96 -14.52 13.76
N TYR A 244 6.82 -13.61 14.22
CA TYR A 244 7.67 -13.81 15.36
C TYR A 244 7.26 -12.85 16.47
N VAL A 245 7.34 -13.34 17.70
CA VAL A 245 7.02 -12.58 18.87
C VAL A 245 8.30 -12.35 19.68
N THR A 246 8.30 -11.26 20.42
CA THR A 246 9.44 -10.83 21.19
C THR A 246 8.98 -10.07 22.43
N LEU A 247 9.81 -10.04 23.44
CA LEU A 247 9.68 -9.00 24.46
C LEU A 247 9.87 -7.64 23.78
N CYS A 248 9.01 -6.68 24.05
CA CYS A 248 9.11 -5.37 23.38
C CYS A 248 10.45 -4.68 23.54
N ASN A 249 11.07 -4.82 24.69
CA ASN A 249 12.34 -4.12 24.95
C ASN A 249 13.57 -5.00 24.67
N ASN A 250 13.42 -6.06 23.92
CA ASN A 250 14.55 -6.93 23.56
C ASN A 250 15.68 -6.08 22.91
N SER A 251 16.78 -5.87 23.62
CA SER A 251 17.87 -5.01 23.09
C SER A 251 18.66 -5.60 21.94
N LYS A 252 18.44 -6.86 21.62
CA LYS A 252 19.05 -7.40 20.43
C LYS A 252 18.34 -6.97 19.12
N LEU A 253 17.11 -6.47 19.19
CA LEU A 253 16.37 -6.15 17.94
C LEU A 253 17.12 -5.11 17.11
N PRO A 254 17.41 -5.44 15.83
CA PRO A 254 18.30 -4.60 15.07
C PRO A 254 17.56 -3.48 14.35
N THR A 255 18.33 -2.54 13.83
CA THR A 255 17.81 -1.47 12.98
C THR A 255 18.13 -1.76 11.51
N PHE A 256 17.11 -1.70 10.65
CA PHE A 256 17.34 -1.83 9.23
C PHE A 256 17.98 -0.54 8.75
N GLU A 257 19.02 -0.64 7.92
CA GLU A 257 19.57 0.49 7.23
C GLU A 257 19.61 0.18 5.74
N PHE A 258 18.97 1.04 4.96
CA PHE A 258 18.99 0.96 3.51
C PHE A 258 19.73 2.17 2.96
N THR A 259 20.68 1.93 2.06
CA THR A 259 21.49 3.02 1.48
C THR A 259 21.58 3.02 -0.04
N SER A 260 21.66 4.23 -0.59
CA SER A 260 21.92 4.49 -2.01
C SER A 260 23.05 5.49 -2.04
N GLU A 261 23.57 5.76 -3.24
CA GLU A 261 24.55 6.88 -3.37
C GLU A 261 23.94 8.23 -2.94
N ASN A 262 22.60 8.32 -2.98
CA ASN A 262 21.84 9.55 -2.65
C ASN A 262 21.45 9.69 -1.17
N GLY A 263 21.14 8.60 -0.51
CA GLY A 263 20.40 8.68 0.75
C GLY A 263 20.55 7.49 1.66
N LYS A 264 20.15 7.67 2.91
CA LYS A 264 20.22 6.62 3.89
C LYS A 264 18.93 6.63 4.68
N TYR A 265 18.30 5.47 4.79
CA TYR A 265 16.98 5.32 5.38
C TYR A 265 17.07 4.23 6.44
N THR A 266 16.52 4.48 7.63
CA THR A 266 16.66 3.51 8.71
C THR A 266 15.31 3.13 9.28
N LEU A 267 15.21 1.92 9.78
CA LEU A 267 13.98 1.47 10.38
C LEU A 267 14.27 0.74 11.70
N GLU A 268 14.03 1.47 12.79
CA GLU A 268 14.36 1.07 14.14
C GLU A 268 13.23 0.19 14.64
N PRO A 269 13.47 -0.60 15.71
CA PRO A 269 12.43 -1.49 16.20
C PRO A 269 11.11 -0.83 16.54
N GLU A 270 11.11 0.37 17.11
CA GLU A 270 9.87 1.10 17.37
C GLU A 270 8.93 1.21 16.13
N TYR A 271 9.49 1.18 14.93
CA TYR A 271 8.69 1.28 13.70
C TYR A 271 8.19 -0.06 13.20
N TYR A 272 8.83 -1.15 13.60
CA TYR A 272 8.37 -2.47 13.14
C TYR A 272 7.80 -3.41 14.21
N LEU A 273 7.75 -2.97 15.47
CA LEU A 273 7.06 -3.70 16.52
C LEU A 273 5.59 -3.32 16.66
N GLN A 274 4.76 -4.34 16.86
CA GLN A 274 3.34 -4.18 17.15
C GLN A 274 3.10 -4.72 18.57
N HIS A 275 2.64 -3.88 19.52
CA HIS A 275 2.27 -4.36 20.84
C HIS A 275 1.14 -5.38 20.78
N ILE A 276 1.23 -6.44 21.55
CA ILE A 276 0.15 -7.42 21.70
C ILE A 276 -0.05 -7.73 23.21
N GLU A 277 -0.23 -6.67 24.00
CA GLU A 277 -0.43 -6.78 25.47
C GLU A 277 -1.56 -7.74 25.89
N ASP A 278 -2.65 -7.74 25.11
CA ASP A 278 -3.74 -8.71 25.26
C ASP A 278 -3.32 -10.19 25.18
N VAL A 279 -2.34 -10.50 24.31
CA VAL A 279 -1.74 -11.85 24.24
C VAL A 279 -0.79 -12.06 25.43
N GLY A 280 -0.08 -11.01 25.85
CA GLY A 280 0.65 -11.05 27.11
C GLY A 280 1.38 -9.75 27.44
N PRO A 281 1.79 -9.56 28.71
CA PRO A 281 2.38 -8.29 29.17
C PRO A 281 3.84 -8.09 28.69
N GLY A 282 4.10 -6.96 28.02
CA GLY A 282 5.40 -6.66 27.44
C GLY A 282 5.76 -7.49 26.19
N LEU A 283 4.77 -8.07 25.51
CA LEU A 283 5.01 -8.82 24.26
C LEU A 283 4.68 -7.99 23.02
N CYS A 284 5.51 -8.16 22.00
CA CYS A 284 5.30 -7.50 20.70
C CYS A 284 5.43 -8.53 19.59
N MET A 285 4.76 -8.27 18.48
CA MET A 285 4.98 -9.02 17.26
C MET A 285 5.85 -8.17 16.34
N LEU A 286 6.78 -8.81 15.64
CA LEU A 286 7.54 -8.14 14.60
C LEU A 286 6.72 -8.08 13.33
N ASN A 287 6.59 -6.90 12.75
CA ASN A 287 5.93 -6.72 11.45
C ASN A 287 6.91 -6.95 10.30
N ILE A 288 7.46 -8.15 10.30
CA ILE A 288 8.51 -8.55 9.38
C ILE A 288 8.10 -9.94 8.93
N ILE A 289 8.10 -10.20 7.64
CA ILE A 289 7.96 -11.61 7.20
C ILE A 289 8.94 -11.98 6.10
N GLY A 290 9.32 -13.24 6.12
CA GLY A 290 10.25 -13.84 5.16
C GLY A 290 9.54 -14.14 3.87
N LEU A 291 10.08 -13.63 2.76
CA LEU A 291 9.52 -13.85 1.44
C LEU A 291 10.63 -13.84 0.43
N ASP A 292 10.66 -14.86 -0.41
CA ASP A 292 11.60 -14.94 -1.50
C ASP A 292 10.96 -14.61 -2.84
N PHE A 293 11.53 -13.59 -3.46
CA PHE A 293 11.28 -13.27 -4.86
C PHE A 293 12.35 -13.96 -5.67
N PRO A 294 12.14 -14.09 -6.99
CA PRO A 294 13.21 -14.62 -7.83
C PRO A 294 14.55 -13.88 -7.70
N VAL A 295 14.51 -12.54 -7.61
CA VAL A 295 15.69 -11.73 -7.28
C VAL A 295 15.54 -11.24 -5.82
N PRO A 296 16.63 -11.27 -5.01
CA PRO A 296 16.47 -10.87 -3.61
C PRO A 296 15.82 -9.50 -3.49
N THR A 297 14.75 -9.46 -2.71
CA THR A 297 13.86 -8.30 -2.66
C THR A 297 13.34 -8.09 -1.25
N PHE A 298 13.20 -6.83 -0.87
CA PHE A 298 12.51 -6.39 0.35
C PHE A 298 11.27 -5.64 -0.09
N ILE A 299 10.14 -5.86 0.60
CA ILE A 299 9.03 -4.94 0.47
C ILE A 299 9.11 -3.96 1.64
N LEU A 300 9.21 -2.69 1.30
CA LEU A 300 9.19 -1.60 2.24
C LEU A 300 7.75 -1.15 2.32
N GLY A 301 7.03 -1.80 3.22
CA GLY A 301 5.61 -1.62 3.33
C GLY A 301 5.25 -0.54 4.30
N ASP A 302 4.03 -0.69 4.82
CA ASP A 302 3.45 0.32 5.69
CA ASP A 302 3.40 0.24 5.79
C ASP A 302 4.37 0.74 6.88
N PRO A 303 5.09 -0.20 7.55
CA PRO A 303 6.01 0.30 8.60
C PRO A 303 7.08 1.29 8.11
N PHE A 304 7.63 1.06 6.91
CA PHE A 304 8.55 2.00 6.34
C PHE A 304 7.87 3.36 6.06
N MET A 305 6.66 3.30 5.53
CA MET A 305 5.96 4.48 5.09
C MET A 305 5.38 5.29 6.24
N ARG A 306 5.25 4.68 7.41
CA ARG A 306 4.82 5.42 8.59
C ARG A 306 5.92 6.37 9.05
N LYS A 307 7.18 5.95 8.87
CA LYS A 307 8.32 6.80 9.20
C LYS A 307 8.63 7.81 8.09
N TYR A 308 8.55 7.35 6.84
CA TYR A 308 9.03 8.11 5.71
C TYR A 308 7.90 8.50 4.79
N PHE A 309 7.74 9.80 4.64
CA PHE A 309 6.91 10.39 3.59
C PHE A 309 7.47 9.92 2.26
N THR A 310 6.57 9.57 1.34
CA THR A 310 6.97 9.03 0.05
C THR A 310 6.21 9.70 -1.10
N VAL A 311 6.95 9.90 -2.18
CA VAL A 311 6.48 10.52 -3.40
C VAL A 311 6.62 9.50 -4.51
N PHE A 312 5.55 9.25 -5.24
CA PHE A 312 5.57 8.31 -6.35
C PHE A 312 5.38 9.10 -7.62
N ASP A 313 6.45 9.20 -8.39
CA ASP A 313 6.49 10.14 -9.50
C ASP A 313 6.59 9.38 -10.82
N TYR A 314 5.47 9.36 -11.55
CA TYR A 314 5.40 8.67 -12.85
C TYR A 314 6.26 9.37 -13.90
N ASP A 315 6.18 10.69 -13.98
CA ASP A 315 6.92 11.45 -14.99
C ASP A 315 8.44 11.29 -14.84
N ASN A 316 8.96 11.29 -13.62
CA ASN A 316 10.41 11.13 -13.39
C ASN A 316 10.89 9.74 -13.04
N GLN A 317 9.95 8.78 -13.09
CA GLN A 317 10.21 7.38 -12.81
C GLN A 317 11.07 7.20 -11.58
N SER A 318 10.57 7.74 -10.47
CA SER A 318 11.29 7.72 -9.22
CA SER A 318 11.29 7.74 -9.21
C SER A 318 10.38 7.65 -8.02
N VAL A 319 10.96 7.27 -6.88
CA VAL A 319 10.32 7.35 -5.59
C VAL A 319 11.14 8.37 -4.80
N GLY A 320 10.43 9.34 -4.24
CA GLY A 320 11.03 10.33 -3.37
C GLY A 320 10.81 9.89 -1.94
N ILE A 321 11.83 10.03 -1.11
CA ILE A 321 11.74 9.62 0.30
C ILE A 321 12.21 10.73 1.23
N ALA A 322 11.40 11.05 2.25
CA ALA A 322 11.81 12.00 3.30
C ALA A 322 11.17 11.64 4.63
N LEU A 323 11.81 12.07 5.71
CA LEU A 323 11.30 11.84 7.04
C LEU A 323 9.96 12.56 7.10
N ALA A 324 8.90 11.81 7.46
CA ALA A 324 7.57 12.38 7.69
C ALA A 324 7.59 13.25 8.94
N LYS A 325 6.92 14.41 8.89
CA LYS A 325 6.71 15.25 10.09
C LYS A 325 5.91 14.43 11.08
N LYS A 326 6.27 14.47 12.36
CA LYS A 326 5.53 13.74 13.38
C LYS A 326 4.11 14.24 13.58
N ASN A 327 3.86 15.52 13.30
CA ASN A 327 2.52 16.13 13.38
C ASN A 327 2.33 17.12 12.25
N LEU A 328 1.07 17.34 11.87
CA LEU A 328 0.72 18.46 11.00
C LEU A 328 0.33 19.67 11.84
C34 8V9 B . -0.80 -14.16 -6.54
C35 8V9 B . 1.83 -14.95 -5.70
C36 8V9 B . -0.65 -15.14 -5.64
C37 8V9 B . 0.77 -15.56 -5.19
C32 8V9 B . 0.42 -13.44 -7.12
C27 8V9 B . 4.49 -9.82 -3.73
C28 8V9 B . 4.62 -10.41 -2.55
C30 8V9 B . 0.25 -12.31 -8.18
C29 8V9 B . 0.60 -10.91 -7.56
C10 8V9 B . -0.28 -8.39 5.22
S01 8V9 B . -4.12 -7.51 -1.53
S02 8V9 B . -1.48 -7.36 -8.96
O01 8V9 B . -0.90 -6.20 4.52
O02 8V9 B . -1.92 -8.82 0.62
O03 8V9 B . 0.18 -4.89 -4.02
O04 8V9 B . -0.21 -4.88 -1.34
O05 8V9 B . -0.91 -9.17 -4.82
O06 8V9 B . 1.67 -10.64 -7.09
O07 8V9 B . 0.95 -16.60 -4.24
N01 8V9 B . -1.68 -6.69 -1.38
N02 8V9 B . -1.41 -7.32 2.26
N03 8V9 B . 0.75 -7.51 -4.90
N04 8V9 B . -0.44 -9.88 -7.55
C01 8V9 B . -2.17 -6.52 -0.02
C02 8V9 B . -3.70 -6.30 -0.21
C03 8V9 B . -1.17 -8.26 3.22
C04 8V9 B . -2.42 -7.81 -2.06
C05 8V9 B . -1.82 -7.68 0.93
C06 8V9 B . -1.25 -7.68 4.59
C07 8V9 B . -3.92 -4.88 -0.77
C08 8V9 B . -4.53 -6.57 1.05
C09 8V9 B . 0.43 -8.74 3.11
C11 8V9 B . 0.87 -8.77 4.50
C12 8V9 B . -0.69 -5.77 -1.99
C13 8V9 B . -0.29 -6.05 -3.45
C14 8V9 B . 0.75 -7.21 -3.48
C15 8V9 B . 1.34 -9.03 2.16
C16 8V9 B . 2.41 -9.17 4.76
C17 8V9 B . 2.12 -6.77 -2.97
C18 8V9 B . 2.54 -9.36 2.35
C19 8V9 B . 3.21 -9.47 3.53
C20 8V9 B . 3.01 -8.07 -2.81
C22 8V9 B . -0.12 -8.59 -7.00
C23 8V9 B . 3.16 -8.74 -1.44
C24 8V9 B . 3.61 -8.56 -3.86
C25 8V9 B . -1.26 -7.65 -7.26
C26 8V9 B . 3.93 -9.83 -1.33
C31 8V9 B . 0.02 -6.81 -9.73
C33 8V9 B . 1.65 -13.82 -6.73
C21 8V9 B . -0.13 -8.54 -5.48
C1 CPS C . -2.15 -11.73 5.38
C2 CPS C . -1.06 -12.72 5.80
C3 CPS C . -0.11 -12.69 3.37
C4 CPS C . 0.56 -13.44 2.23
C5 CPS C . 1.68 -14.35 2.72
C6 CPS C . 1.06 -15.26 3.79
C7 CPS C . 2.08 -16.35 4.02
C8 CPS C . 2.70 -16.54 2.65
C9 CPS C . 2.13 -15.44 1.74
C10 CPS C . 2.86 -13.51 3.24
C11 CPS C . 0.06 -11.91 6.44
C12 CPS C . -3.50 -12.37 5.02
C13 CPS C . -4.01 -13.13 6.23
C14 CPS C . -3.01 -14.26 6.52
C15 CPS C . -1.63 -13.69 6.87
C16 CPS C . -0.69 -14.84 7.24
C17 CPS C . -0.01 -15.53 6.07
C18 CPS C . 0.53 -14.55 5.03
C19 CPS C . -0.54 -13.54 4.60
C20 CPS C . 3.06 -15.22 0.55
C21 CPS C . 2.89 -13.89 -0.17
C22 CPS C . 2.81 -16.33 -0.49
C23 CPS C . 3.99 -17.23 -0.76
C24 CPS C . 3.68 -18.15 -1.92
N1 CPS C . 4.32 -19.30 -1.95
O1 CPS C . 2.87 -17.85 -2.79
O2 CPS C . -5.31 -13.67 5.97
O3 CPS C . -0.94 -16.45 5.48
O4 CPS C . -0.46 -14.14 1.51
C1 GOL D . 4.38 -7.25 -7.67
O1 GOL D . 3.46 -7.93 -8.53
C2 GOL D . 3.74 -5.96 -7.17
O2 GOL D . 2.52 -6.20 -6.49
C3 GOL D . 4.69 -5.22 -6.22
O3 GOL D . 5.32 -4.11 -6.85
C1 GOL E . 6.65 -14.77 -3.50
O1 GOL E . 5.52 -15.12 -2.70
C2 GOL E . 6.15 -14.50 -4.92
O2 GOL E . 5.06 -13.58 -4.88
C3 GOL E . 7.31 -13.95 -5.75
O3 GOL E . 8.38 -14.91 -5.82
C1 GOL F . 3.95 23.81 -0.55
O1 GOL F . 4.70 24.98 -0.89
C2 GOL F . 3.73 23.71 0.96
O2 GOL F . 4.10 24.92 1.65
C3 GOL F . 2.29 23.34 1.30
O3 GOL F . 2.30 22.58 2.51
P PO4 G . 17.57 -18.31 19.86
O1 PO4 G . 17.90 -18.34 18.39
O2 PO4 G . 18.84 -18.51 20.66
O3 PO4 G . 16.93 -16.99 20.18
O4 PO4 G . 16.62 -19.43 20.24
#